data_5LFY
#
_entry.id   5LFY
#
loop_
_entity.id
_entity.type
_entity.pdbx_description
1 polymer 'Amyloid beta A4 protein'
2 non-polymer 'ZINC ION'
#
_entity_poly.entity_id   1
_entity_poly.type   'polypeptide(L)'
_entity_poly.pdbx_seq_one_letter_code
;DAEFRHHSGY(NH2)
;
_entity_poly.pdbx_strand_id   A,B
#
# COMPACT_ATOMS: atom_id res chain seq x y z
N ASP A 1 3.61 -4.67 -4.38
CA ASP A 1 2.27 -4.10 -4.67
C ASP A 1 2.30 -2.57 -4.62
N ALA A 2 1.31 -1.94 -5.22
CA ALA A 2 1.21 -0.49 -5.25
C ALA A 2 -0.07 -0.01 -4.57
N GLU A 3 -0.23 1.30 -4.49
CA GLU A 3 -1.40 1.90 -3.86
C GLU A 3 -2.69 1.32 -4.44
N PHE A 4 -2.68 1.06 -5.74
CA PHE A 4 -3.86 0.50 -6.41
C PHE A 4 -4.08 -0.95 -5.97
N ARG A 5 -3.00 -1.64 -5.67
CA ARG A 5 -3.07 -3.04 -5.24
C ARG A 5 -3.45 -3.14 -3.78
N HIS A 6 -2.90 -2.25 -2.96
CA HIS A 6 -3.18 -2.25 -1.52
C HIS A 6 -4.63 -1.88 -1.27
N HIS A 7 -5.10 -0.86 -1.98
CA HIS A 7 -6.47 -0.38 -1.84
C HIS A 7 -7.38 -1.03 -2.87
N SER A 8 -8.68 -0.88 -2.67
CA SER A 8 -9.67 -1.46 -3.59
C SER A 8 -10.84 -0.49 -3.80
N GLY A 9 -11.56 -0.69 -4.90
CA GLY A 9 -12.70 0.16 -5.20
C GLY A 9 -12.36 1.23 -6.22
N TYR A 10 -13.36 2.00 -6.62
CA TYR A 10 -13.17 3.07 -7.60
C TYR A 10 -12.12 4.06 -7.11
N ASP B 1 -3.52 4.27 3.96
CA ASP B 1 -2.06 4.32 4.23
C ASP B 1 -1.29 4.53 2.93
N ALA B 2 0.03 4.61 3.04
CA ALA B 2 0.89 4.81 1.88
C ALA B 2 1.85 3.65 1.70
N GLU B 3 2.62 3.67 0.62
CA GLU B 3 3.56 2.62 0.31
C GLU B 3 4.49 2.33 1.50
N PHE B 4 4.87 3.36 2.22
CA PHE B 4 5.76 3.18 3.36
C PHE B 4 5.03 2.48 4.50
N ARG B 5 3.73 2.72 4.60
CA ARG B 5 2.92 2.10 5.63
C ARG B 5 2.61 0.65 5.28
N HIS B 6 2.29 0.41 4.02
CA HIS B 6 1.99 -0.94 3.55
C HIS B 6 3.24 -1.81 3.60
N HIS B 7 4.36 -1.23 3.21
CA HIS B 7 5.63 -1.93 3.20
C HIS B 7 6.36 -1.74 4.53
N SER B 8 6.75 -2.85 5.16
CA SER B 8 7.46 -2.80 6.43
C SER B 8 8.77 -3.55 6.36
N GLY B 9 9.78 -3.03 7.05
CA GLY B 9 11.09 -3.66 7.06
C GLY B 9 12.05 -3.01 8.04
N TYR B 10 12.65 -3.81 8.89
CA TYR B 10 13.59 -3.30 9.88
C TYR B 10 15.01 -3.78 9.58
N ASP A 1 3.59 -4.63 -4.41
CA ASP A 1 2.28 -4.04 -4.74
C ASP A 1 2.31 -2.52 -4.66
N ALA A 2 1.31 -1.87 -5.25
CA ALA A 2 1.22 -0.42 -5.25
C ALA A 2 -0.06 0.04 -4.57
N GLU A 3 -0.24 1.36 -4.50
CA GLU A 3 -1.42 1.95 -3.87
C GLU A 3 -2.70 1.38 -4.45
N PHE A 4 -2.73 1.14 -5.75
CA PHE A 4 -3.90 0.59 -6.41
C PHE A 4 -4.12 -0.87 -6.01
N ARG A 5 -3.04 -1.56 -5.71
CA ARG A 5 -3.10 -2.96 -5.32
C ARG A 5 -3.47 -3.11 -3.84
N HIS A 6 -2.93 -2.23 -3.01
CA HIS A 6 -3.20 -2.27 -1.57
C HIS A 6 -4.65 -1.90 -1.29
N HIS A 7 -5.13 -0.88 -1.99
CA HIS A 7 -6.48 -0.40 -1.82
C HIS A 7 -7.43 -1.05 -2.83
N SER A 8 -8.73 -0.87 -2.62
CA SER A 8 -9.73 -1.44 -3.52
C SER A 8 -10.19 -0.40 -4.54
N GLY A 9 -10.48 -0.86 -5.75
CA GLY A 9 -10.94 0.04 -6.79
C GLY A 9 -10.59 -0.46 -8.18
N TYR A 10 -11.59 -0.49 -9.07
CA TYR A 10 -11.39 -0.94 -10.44
C TYR A 10 -10.67 0.11 -11.26
N ASP B 1 -3.53 3.92 3.86
CA ASP B 1 -2.11 4.21 4.18
C ASP B 1 -1.32 4.48 2.91
N ALA B 2 0.00 4.57 3.06
CA ALA B 2 0.88 4.83 1.93
C ALA B 2 1.85 3.66 1.72
N GLU B 3 2.61 3.72 0.63
CA GLU B 3 3.57 2.67 0.31
C GLU B 3 4.50 2.38 1.48
N PHE B 4 4.89 3.43 2.21
CA PHE B 4 5.77 3.27 3.35
C PHE B 4 5.06 2.57 4.51
N ARG B 5 3.75 2.78 4.60
CA ARG B 5 2.94 2.16 5.64
C ARG B 5 2.63 0.71 5.30
N HIS B 6 2.35 0.46 4.02
CA HIS B 6 2.04 -0.89 3.57
C HIS B 6 3.28 -1.76 3.63
N HIS B 7 4.41 -1.18 3.22
CA HIS B 7 5.69 -1.89 3.21
C HIS B 7 6.44 -1.64 4.51
N SER B 8 7.54 -2.37 4.69
CA SER B 8 8.35 -2.23 5.90
C SER B 8 9.59 -1.38 5.61
N GLY B 9 9.89 -0.46 6.52
CA GLY B 9 11.05 0.40 6.34
C GLY B 9 11.10 1.52 7.36
N TYR B 10 12.19 2.27 7.37
CA TYR B 10 12.36 3.38 8.30
C TYR B 10 12.92 4.61 7.60
N ASP A 1 3.65 -4.65 -4.34
CA ASP A 1 2.33 -4.08 -4.70
C ASP A 1 2.35 -2.55 -4.66
N ALA A 2 1.37 -1.92 -5.29
CA ALA A 2 1.27 -0.48 -5.32
C ALA A 2 0.02 0.01 -4.59
N GLU A 3 -0.13 1.33 -4.51
CA GLU A 3 -1.27 1.93 -3.85
C GLU A 3 -2.58 1.43 -4.45
N PHE A 4 -2.58 1.15 -5.75
CA PHE A 4 -3.78 0.66 -6.41
C PHE A 4 -3.98 -0.83 -6.19
N ARG A 5 -2.98 -1.49 -5.58
CA ARG A 5 -3.06 -2.91 -5.29
C ARG A 5 -3.41 -3.14 -3.84
N HIS A 6 -2.89 -2.29 -2.96
CA HIS A 6 -3.17 -2.40 -1.52
C HIS A 6 -4.62 -2.03 -1.25
N HIS A 7 -5.06 -0.95 -1.88
CA HIS A 7 -6.42 -0.47 -1.72
C HIS A 7 -7.37 -1.14 -2.72
N SER A 8 -8.66 -0.90 -2.55
CA SER A 8 -9.66 -1.49 -3.44
C SER A 8 -10.47 -0.40 -4.14
N GLY A 9 -10.64 -0.56 -5.45
CA GLY A 9 -11.39 0.42 -6.22
C GLY A 9 -12.65 -0.16 -6.82
N TYR A 10 -12.76 -0.09 -8.14
CA TYR A 10 -13.93 -0.61 -8.84
C TYR A 10 -13.81 -2.12 -9.06
N ASP B 1 -3.42 4.26 4.91
CA ASP B 1 -2.00 3.84 4.84
C ASP B 1 -1.40 4.13 3.47
N ALA B 2 -0.08 4.30 3.43
CA ALA B 2 0.61 4.58 2.17
C ALA B 2 1.63 3.49 1.86
N GLU B 3 2.35 3.66 0.77
CA GLU B 3 3.36 2.68 0.35
C GLU B 3 4.35 2.42 1.48
N PHE B 4 4.69 3.46 2.22
CA PHE B 4 5.63 3.32 3.33
C PHE B 4 5.00 2.53 4.47
N ARG B 5 3.68 2.66 4.61
CA ARG B 5 2.96 1.95 5.66
C ARG B 5 2.63 0.52 5.23
N HIS B 6 2.28 0.36 3.96
CA HIS B 6 1.94 -0.95 3.42
C HIS B 6 3.16 -1.87 3.50
N HIS B 7 4.32 -1.30 3.19
CA HIS B 7 5.56 -2.05 3.21
C HIS B 7 6.28 -1.89 4.55
N SER B 8 6.82 -2.99 5.07
CA SER B 8 7.53 -2.97 6.34
C SER B 8 9.01 -3.30 6.15
N GLY B 9 9.87 -2.59 6.86
CA GLY B 9 11.30 -2.82 6.75
C GLY B 9 12.02 -1.72 5.99
N TYR B 10 13.32 -1.63 6.18
CA TYR B 10 14.12 -0.62 5.52
C TYR B 10 14.89 -1.21 4.34
N ASP A 1 3.56 -4.81 -4.25
CA ASP A 1 2.21 -4.23 -4.51
C ASP A 1 2.27 -2.70 -4.51
N ALA A 2 1.25 -2.08 -5.11
CA ALA A 2 1.18 -0.63 -5.18
C ALA A 2 -0.11 -0.12 -4.53
N GLU A 3 -0.24 1.21 -4.48
CA GLU A 3 -1.42 1.83 -3.88
C GLU A 3 -2.71 1.25 -4.48
N PHE A 4 -2.67 0.95 -5.77
CA PHE A 4 -3.83 0.39 -6.46
C PHE A 4 -4.09 -1.04 -6.00
N ARG A 5 -3.04 -1.74 -5.64
CA ARG A 5 -3.15 -3.12 -5.18
C ARG A 5 -3.52 -3.19 -3.70
N HIS A 6 -2.95 -2.29 -2.91
CA HIS A 6 -3.23 -2.25 -1.48
C HIS A 6 -4.67 -1.84 -1.22
N HIS A 7 -5.16 -0.89 -1.99
CA HIS A 7 -6.52 -0.39 -1.84
C HIS A 7 -7.44 -1.02 -2.88
N SER A 8 -8.50 -1.67 -2.41
CA SER A 8 -9.46 -2.32 -3.29
C SER A 8 -10.87 -1.76 -3.07
N GLY A 9 -11.66 -1.75 -4.13
CA GLY A 9 -13.01 -1.24 -4.03
C GLY A 9 -13.10 0.25 -4.29
N TYR A 10 -14.31 0.80 -4.27
CA TYR A 10 -14.51 2.22 -4.51
C TYR A 10 -14.32 3.03 -3.23
N ASP B 1 -3.63 4.28 3.78
CA ASP B 1 -2.19 4.35 4.12
C ASP B 1 -1.33 4.56 2.89
N ALA B 2 -0.03 4.73 3.08
CA ALA B 2 0.89 4.95 1.97
C ALA B 2 1.82 3.75 1.78
N GLU B 3 2.62 3.80 0.73
CA GLU B 3 3.56 2.73 0.42
C GLU B 3 4.45 2.39 1.62
N PHE B 4 4.79 3.40 2.40
CA PHE B 4 5.63 3.19 3.57
C PHE B 4 4.87 2.42 4.65
N ARG B 5 3.57 2.67 4.74
CA ARG B 5 2.73 1.99 5.72
C ARG B 5 2.52 0.54 5.32
N HIS B 6 2.23 0.34 4.03
CA HIS B 6 2.01 -1.00 3.50
C HIS B 6 3.28 -1.83 3.57
N HIS B 7 4.40 -1.18 3.26
CA HIS B 7 5.70 -1.83 3.27
C HIS B 7 6.46 -1.51 4.55
N SER B 8 6.12 -2.19 5.64
CA SER B 8 6.76 -1.98 6.91
C SER B 8 7.15 -3.31 7.56
N GLY B 9 8.38 -3.37 8.09
CA GLY B 9 8.84 -4.57 8.74
C GLY B 9 9.03 -5.72 7.76
N TYR B 10 10.10 -6.48 7.93
CA TYR B 10 10.39 -7.62 7.06
C TYR B 10 10.19 -8.93 7.80
N ASP A 1 3.70 -4.48 -4.60
CA ASP A 1 2.31 -3.94 -4.66
C ASP A 1 2.31 -2.42 -4.59
N ALA A 2 1.28 -1.81 -5.18
CA ALA A 2 1.15 -0.35 -5.18
C ALA A 2 -0.13 0.08 -4.50
N GLU A 3 -0.35 1.38 -4.42
CA GLU A 3 -1.55 1.93 -3.79
C GLU A 3 -2.81 1.28 -4.38
N PHE A 4 -2.80 1.04 -5.68
CA PHE A 4 -3.94 0.43 -6.35
C PHE A 4 -4.07 -1.03 -5.94
N ARG A 5 -2.94 -1.68 -5.68
CA ARG A 5 -2.93 -3.07 -5.28
C ARG A 5 -3.35 -3.22 -3.82
N HIS A 6 -2.85 -2.32 -2.98
CA HIS A 6 -3.18 -2.34 -1.56
C HIS A 6 -4.63 -1.94 -1.34
N HIS A 7 -5.03 -0.86 -2.00
CA HIS A 7 -6.39 -0.35 -1.88
C HIS A 7 -7.30 -0.99 -2.92
N SER A 8 -8.54 -1.28 -2.51
CA SER A 8 -9.50 -1.89 -3.41
C SER A 8 -10.41 -0.84 -4.04
N GLY A 9 -10.49 -0.86 -5.36
CA GLY A 9 -11.33 0.10 -6.07
C GLY A 9 -10.55 0.91 -7.09
N TYR A 10 -10.39 2.20 -6.82
CA TYR A 10 -9.66 3.08 -7.72
C TYR A 10 -8.32 3.48 -7.13
N ASP B 1 -3.42 4.68 4.17
CA ASP B 1 -2.01 4.24 4.28
C ASP B 1 -1.25 4.49 2.97
N ALA B 2 0.07 4.57 3.07
CA ALA B 2 0.91 4.80 1.91
C ALA B 2 1.88 3.64 1.71
N GLU B 3 2.65 3.71 0.63
CA GLU B 3 3.62 2.67 0.32
C GLU B 3 4.53 2.38 1.50
N PHE B 4 4.87 3.43 2.25
CA PHE B 4 5.72 3.29 3.42
C PHE B 4 5.00 2.55 4.54
N ARG B 5 3.68 2.75 4.60
CA ARG B 5 2.86 2.11 5.62
C ARG B 5 2.57 0.66 5.26
N HIS B 6 2.30 0.42 3.97
CA HIS B 6 2.00 -0.92 3.50
C HIS B 6 3.25 -1.80 3.57
N HIS B 7 4.39 -1.22 3.22
CA HIS B 7 5.66 -1.94 3.23
C HIS B 7 6.39 -1.73 4.55
N SER B 8 6.99 -2.81 5.05
CA SER B 8 7.74 -2.76 6.31
C SER B 8 9.12 -3.36 6.13
N GLY B 9 10.15 -2.55 6.39
CA GLY B 9 11.52 -3.01 6.26
C GLY B 9 12.48 -1.90 5.92
N TYR B 10 13.74 -2.25 5.67
CA TYR B 10 14.77 -1.28 5.33
C TYR B 10 14.46 -0.62 3.99
N ASP A 1 3.45 -4.96 -3.93
CA ASP A 1 2.19 -4.39 -4.47
C ASP A 1 2.23 -2.87 -4.52
N ALA A 2 1.23 -2.26 -5.13
CA ALA A 2 1.17 -0.81 -5.25
C ALA A 2 -0.08 -0.25 -4.56
N GLU A 3 -0.19 1.07 -4.54
CA GLU A 3 -1.32 1.75 -3.91
C GLU A 3 -2.65 1.22 -4.45
N PHE A 4 -2.71 0.98 -5.75
CA PHE A 4 -3.92 0.48 -6.37
C PHE A 4 -4.21 -0.95 -5.92
N ARG A 5 -3.15 -1.68 -5.61
CA ARG A 5 -3.29 -3.06 -5.17
C ARG A 5 -3.61 -3.14 -3.67
N HIS A 6 -3.00 -2.25 -2.89
CA HIS A 6 -3.23 -2.23 -1.45
C HIS A 6 -4.67 -1.84 -1.15
N HIS A 7 -5.17 -0.87 -1.91
CA HIS A 7 -6.53 -0.39 -1.73
C HIS A 7 -7.47 -1.02 -2.74
N SER A 8 -8.72 -1.23 -2.32
CA SER A 8 -9.73 -1.84 -3.20
C SER A 8 -11.11 -1.30 -2.86
N GLY A 9 -11.42 -0.11 -3.36
CA GLY A 9 -12.71 0.49 -3.10
C GLY A 9 -13.21 1.33 -4.27
N TYR A 10 -14.08 0.74 -5.09
CA TYR A 10 -14.63 1.42 -6.25
C TYR A 10 -15.81 2.31 -5.85
N ASP B 1 -3.47 4.89 3.93
CA ASP B 1 -2.04 4.52 4.13
C ASP B 1 -1.24 4.66 2.83
N ALA B 2 0.07 4.81 2.97
CA ALA B 2 0.95 4.96 1.82
C ALA B 2 1.88 3.76 1.68
N GLU B 3 2.70 3.77 0.64
CA GLU B 3 3.65 2.69 0.37
C GLU B 3 4.47 2.35 1.62
N PHE B 4 4.83 3.37 2.39
CA PHE B 4 5.61 3.16 3.60
C PHE B 4 4.78 2.47 4.67
N ARG B 5 3.47 2.72 4.65
CA ARG B 5 2.57 2.11 5.61
C ARG B 5 2.38 0.63 5.28
N HIS B 6 2.18 0.35 4.00
CA HIS B 6 1.97 -1.01 3.54
C HIS B 6 3.27 -1.80 3.60
N HIS B 7 4.36 -1.16 3.22
CA HIS B 7 5.67 -1.80 3.21
C HIS B 7 6.42 -1.50 4.51
N SER B 8 7.52 -2.21 4.73
CA SER B 8 8.33 -2.03 5.93
C SER B 8 9.60 -1.25 5.61
N GLY B 9 9.88 -0.23 6.41
CA GLY B 9 11.07 0.58 6.20
C GLY B 9 10.77 1.88 5.51
N TYR B 10 11.53 2.92 5.83
CA TYR B 10 11.35 4.24 5.24
C TYR B 10 12.52 4.59 4.32
N ASP A 1 3.56 -4.68 -4.56
CA ASP A 1 2.21 -4.08 -4.64
C ASP A 1 2.27 -2.56 -4.61
N ALA A 2 1.27 -1.91 -5.20
CA ALA A 2 1.20 -0.46 -5.23
C ALA A 2 -0.05 0.05 -4.55
N GLU A 3 -0.18 1.37 -4.48
CA GLU A 3 -1.35 2.00 -3.85
C GLU A 3 -2.65 1.46 -4.43
N PHE A 4 -2.60 1.02 -5.69
CA PHE A 4 -3.79 0.48 -6.35
C PHE A 4 -4.03 -0.96 -5.94
N ARG A 5 -2.96 -1.68 -5.59
CA ARG A 5 -3.07 -3.06 -5.19
C ARG A 5 -3.45 -3.18 -3.72
N HIS A 6 -2.88 -2.31 -2.89
CA HIS A 6 -3.17 -2.32 -1.46
C HIS A 6 -4.61 -1.93 -1.20
N HIS A 7 -5.08 -0.93 -1.94
CA HIS A 7 -6.45 -0.45 -1.80
C HIS A 7 -7.37 -1.11 -2.82
N SER A 8 -8.48 -1.67 -2.34
CA SER A 8 -9.44 -2.34 -3.22
C SER A 8 -10.84 -1.79 -3.00
N GLY A 9 -11.65 -1.82 -4.05
CA GLY A 9 -13.01 -1.33 -3.97
C GLY A 9 -13.47 -0.65 -5.24
N TYR A 10 -13.49 0.68 -5.23
CA TYR A 10 -13.91 1.44 -6.39
C TYR A 10 -12.87 1.35 -7.51
N ASP B 1 -3.48 4.68 4.22
CA ASP B 1 -2.03 4.40 4.36
C ASP B 1 -1.31 4.56 3.03
N ALA B 2 0.01 4.72 3.08
CA ALA B 2 0.82 4.89 1.88
C ALA B 2 1.75 3.70 1.68
N GLU B 3 2.53 3.76 0.61
CA GLU B 3 3.48 2.70 0.28
C GLU B 3 4.39 2.38 1.47
N PHE B 4 4.77 3.41 2.22
CA PHE B 4 5.64 3.22 3.37
C PHE B 4 4.88 2.51 4.50
N ARG B 5 3.57 2.72 4.56
CA ARG B 5 2.75 2.09 5.59
C ARG B 5 2.52 0.62 5.24
N HIS B 6 2.22 0.38 3.98
CA HIS B 6 1.96 -0.98 3.50
C HIS B 6 3.23 -1.82 3.56
N HIS B 7 4.35 -1.21 3.20
CA HIS B 7 5.62 -1.90 3.20
C HIS B 7 6.37 -1.70 4.51
N SER B 8 6.39 -2.74 5.34
CA SER B 8 7.07 -2.68 6.62
C SER B 8 7.18 -4.07 7.24
N GLY B 9 8.32 -4.36 7.85
CA GLY B 9 8.54 -5.66 8.46
C GLY B 9 10.00 -6.06 8.50
N TYR B 10 10.25 -7.31 8.88
CA TYR B 10 11.61 -7.82 8.96
C TYR B 10 12.17 -8.11 7.57
N ASP A 1 3.71 -4.46 -4.47
CA ASP A 1 2.34 -3.95 -4.70
C ASP A 1 2.31 -2.42 -4.63
N ALA A 2 1.28 -1.83 -5.22
CA ALA A 2 1.13 -0.38 -5.23
C ALA A 2 -0.16 0.04 -4.54
N GLU A 3 -0.38 1.35 -4.46
CA GLU A 3 -1.57 1.89 -3.83
C GLU A 3 -2.84 1.26 -4.40
N PHE A 4 -2.85 1.03 -5.69
CA PHE A 4 -4.00 0.42 -6.35
C PHE A 4 -4.13 -1.04 -5.92
N ARG A 5 -3.00 -1.68 -5.69
CA ARG A 5 -2.99 -3.07 -5.27
C ARG A 5 -3.38 -3.20 -3.80
N HIS A 6 -2.88 -2.28 -2.98
CA HIS A 6 -3.19 -2.29 -1.56
C HIS A 6 -4.63 -1.88 -1.31
N HIS A 7 -5.06 -0.83 -2.00
CA HIS A 7 -6.41 -0.32 -1.87
C HIS A 7 -7.35 -0.96 -2.89
N SER A 8 -8.63 -1.00 -2.56
CA SER A 8 -9.64 -1.57 -3.44
C SER A 8 -10.87 -0.69 -3.51
N GLY A 9 -11.66 -0.85 -4.56
CA GLY A 9 -12.86 -0.06 -4.72
C GLY A 9 -12.57 1.42 -4.85
N TYR A 10 -13.39 2.25 -4.22
CA TYR A 10 -13.21 3.69 -4.25
C TYR A 10 -12.49 4.19 -3.00
N ASP B 1 -3.42 4.83 3.97
CA ASP B 1 -2.04 4.27 4.10
C ASP B 1 -1.22 4.55 2.84
N ALA B 2 0.09 4.64 3.01
CA ALA B 2 0.99 4.88 1.90
C ALA B 2 1.94 3.70 1.70
N GLU B 3 2.71 3.74 0.60
CA GLU B 3 3.65 2.67 0.30
C GLU B 3 4.52 2.35 1.51
N PHE B 4 4.86 3.38 2.28
CA PHE B 4 5.69 3.20 3.46
C PHE B 4 4.91 2.50 4.56
N ARG B 5 3.60 2.74 4.60
CA ARG B 5 2.74 2.12 5.61
C ARG B 5 2.48 0.67 5.26
N HIS B 6 2.24 0.40 3.99
CA HIS B 6 1.98 -0.96 3.53
C HIS B 6 3.26 -1.80 3.59
N HIS B 7 4.36 -1.19 3.20
CA HIS B 7 5.66 -1.86 3.20
C HIS B 7 6.38 -1.63 4.53
N SER B 8 7.30 -2.52 4.86
CA SER B 8 8.06 -2.42 6.11
C SER B 8 9.41 -1.75 5.85
N GLY B 9 9.66 -0.65 6.55
CA GLY B 9 10.90 0.06 6.39
C GLY B 9 11.12 1.12 7.47
N TYR B 10 11.95 0.79 8.45
CA TYR B 10 12.23 1.71 9.54
C TYR B 10 13.24 2.77 9.11
N ASP A 1 3.61 -4.54 -4.67
CA ASP A 1 2.23 -3.97 -4.74
C ASP A 1 2.27 -2.44 -4.67
N ALA A 2 1.25 -1.81 -5.26
CA ALA A 2 1.16 -0.36 -5.25
C ALA A 2 -0.10 0.11 -4.56
N GLU A 3 -0.30 1.42 -4.55
CA GLU A 3 -1.47 2.01 -3.91
C GLU A 3 -2.77 1.41 -4.46
N PHE A 4 -2.74 0.99 -5.72
CA PHE A 4 -3.91 0.40 -6.34
C PHE A 4 -4.08 -1.06 -5.90
N ARG A 5 -2.98 -1.70 -5.56
CA ARG A 5 -3.00 -3.09 -5.12
C ARG A 5 -3.37 -3.20 -3.64
N HIS A 6 -2.83 -2.29 -2.84
CA HIS A 6 -3.10 -2.28 -1.40
C HIS A 6 -4.55 -1.91 -1.12
N HIS A 7 -5.05 -0.94 -1.88
CA HIS A 7 -6.41 -0.48 -1.73
C HIS A 7 -7.34 -1.19 -2.71
N SER A 8 -8.31 -1.93 -2.17
CA SER A 8 -9.27 -2.66 -3.00
C SER A 8 -10.67 -2.06 -2.88
N GLY A 9 -11.43 -2.14 -3.96
CA GLY A 9 -12.77 -1.60 -3.96
C GLY A 9 -12.95 -0.49 -4.97
N TYR A 10 -12.35 -0.65 -6.14
CA TYR A 10 -12.44 0.35 -7.20
C TYR A 10 -11.92 1.70 -6.72
N ASP B 1 -3.51 4.83 3.92
CA ASP B 1 -2.08 4.51 4.14
C ASP B 1 -1.28 4.65 2.85
N ALA B 2 0.03 4.78 2.99
CA ALA B 2 0.91 4.93 1.83
C ALA B 2 1.81 3.71 1.66
N GLU B 3 2.64 3.74 0.62
CA GLU B 3 3.55 2.64 0.33
C GLU B 3 4.39 2.28 1.55
N PHE B 4 4.78 3.29 2.32
CA PHE B 4 5.59 3.06 3.52
C PHE B 4 4.76 2.37 4.60
N ARG B 5 3.46 2.64 4.60
CA ARG B 5 2.56 2.03 5.56
C ARG B 5 2.34 0.56 5.23
N HIS B 6 2.12 0.31 3.94
CA HIS B 6 1.89 -1.05 3.46
C HIS B 6 3.18 -1.87 3.51
N HIS B 7 4.29 -1.24 3.14
CA HIS B 7 5.58 -1.90 3.13
C HIS B 7 6.30 -1.73 4.47
N SER B 8 6.96 -2.78 4.92
CA SER B 8 7.68 -2.75 6.18
C SER B 8 9.19 -2.64 5.94
N GLY B 9 9.79 -1.58 6.46
CA GLY B 9 11.22 -1.37 6.29
C GLY B 9 11.93 -1.17 7.61
N TYR B 10 11.30 -1.60 8.70
CA TYR B 10 11.89 -1.46 10.03
C TYR B 10 12.83 -2.62 10.33
N ASP A 1 3.71 -4.48 -4.52
CA ASP A 1 2.35 -3.94 -4.74
C ASP A 1 2.36 -2.41 -4.65
N ALA A 2 1.32 -1.79 -5.19
CA ALA A 2 1.19 -0.33 -5.17
C ALA A 2 -0.12 0.09 -4.50
N GLU A 3 -0.33 1.39 -4.42
CA GLU A 3 -1.53 1.93 -3.81
C GLU A 3 -2.79 1.33 -4.43
N PHE A 4 -2.74 1.09 -5.74
CA PHE A 4 -3.89 0.53 -6.45
C PHE A 4 -4.10 -0.93 -6.05
N ARG A 5 -3.01 -1.62 -5.71
CA ARG A 5 -3.08 -3.02 -5.32
C ARG A 5 -3.43 -3.17 -3.85
N HIS A 6 -2.89 -2.28 -3.02
CA HIS A 6 -3.15 -2.32 -1.58
C HIS A 6 -4.59 -1.95 -1.29
N HIS A 7 -5.06 -0.89 -1.93
CA HIS A 7 -6.41 -0.40 -1.75
C HIS A 7 -7.38 -1.11 -2.69
N SER A 8 -8.57 -1.42 -2.20
CA SER A 8 -9.59 -2.09 -3.00
C SER A 8 -10.84 -1.24 -3.12
N GLY A 9 -11.32 -1.07 -4.35
CA GLY A 9 -12.52 -0.27 -4.57
C GLY A 9 -12.24 1.21 -4.48
N TYR A 10 -13.23 2.01 -4.88
CA TYR A 10 -13.09 3.47 -4.83
C TYR A 10 -14.46 4.13 -4.68
N ASP B 1 -3.48 4.71 4.14
CA ASP B 1 -2.03 4.42 4.30
C ASP B 1 -1.29 4.58 2.98
N ALA B 2 0.04 4.70 3.06
CA ALA B 2 0.86 4.85 1.87
C ALA B 2 1.82 3.68 1.70
N GLU B 3 2.63 3.74 0.64
CA GLU B 3 3.59 2.69 0.34
C GLU B 3 4.46 2.36 1.56
N PHE B 4 4.84 3.38 2.31
CA PHE B 4 5.66 3.17 3.49
C PHE B 4 4.87 2.47 4.59
N ARG B 5 3.57 2.70 4.61
CA ARG B 5 2.70 2.07 5.59
C ARG B 5 2.46 0.61 5.24
N HIS B 6 2.20 0.37 3.96
CA HIS B 6 1.95 -0.97 3.46
C HIS B 6 3.21 -1.82 3.53
N HIS B 7 4.34 -1.20 3.21
CA HIS B 7 5.63 -1.90 3.22
C HIS B 7 6.35 -1.65 4.54
N SER B 8 6.75 -2.75 5.20
CA SER B 8 7.45 -2.66 6.47
C SER B 8 8.93 -2.33 6.26
N GLY B 9 9.47 -1.47 7.11
CA GLY B 9 10.87 -1.09 7.00
C GLY B 9 11.80 -2.12 7.60
N TYR B 10 13.09 -1.79 7.66
CA TYR B 10 14.08 -2.70 8.22
C TYR B 10 13.90 -2.86 9.72
N ASP A 1 3.44 -4.71 -4.65
CA ASP A 1 2.09 -4.09 -4.64
C ASP A 1 2.20 -2.56 -4.57
N ALA A 2 1.23 -1.89 -5.17
CA ALA A 2 1.20 -0.43 -5.19
C ALA A 2 -0.06 0.10 -4.52
N GLU A 3 -0.17 1.42 -4.43
CA GLU A 3 -1.33 2.06 -3.81
C GLU A 3 -2.62 1.53 -4.41
N PHE A 4 -2.56 1.09 -5.66
CA PHE A 4 -3.75 0.56 -6.33
C PHE A 4 -3.96 -0.90 -5.96
N ARG A 5 -2.89 -1.60 -5.60
CA ARG A 5 -2.97 -2.99 -5.22
C ARG A 5 -3.41 -3.15 -3.77
N HIS A 6 -2.88 -2.29 -2.90
CA HIS A 6 -3.23 -2.33 -1.48
C HIS A 6 -4.68 -1.94 -1.27
N HIS A 7 -5.12 -0.94 -2.00
CA HIS A 7 -6.49 -0.45 -1.90
C HIS A 7 -7.36 -1.06 -2.98
N SER A 8 -8.30 -1.91 -2.57
CA SER A 8 -9.21 -2.57 -3.51
C SER A 8 -10.63 -1.99 -3.41
N GLY A 9 -10.73 -0.80 -2.86
CA GLY A 9 -12.03 -0.15 -2.72
C GLY A 9 -12.46 0.57 -3.98
N TYR A 10 -13.40 1.49 -3.85
CA TYR A 10 -13.90 2.25 -4.99
C TYR A 10 -12.77 2.94 -5.72
N ASP B 1 -3.42 4.62 4.39
CA ASP B 1 -1.97 4.29 4.48
C ASP B 1 -1.30 4.44 3.11
N ALA B 2 0.01 4.69 3.13
CA ALA B 2 0.77 4.85 1.90
C ALA B 2 1.72 3.68 1.68
N GLU B 3 2.52 3.77 0.62
CA GLU B 3 3.47 2.72 0.28
C GLU B 3 4.39 2.41 1.45
N PHE B 4 4.77 3.44 2.20
CA PHE B 4 5.65 3.26 3.35
C PHE B 4 4.90 2.55 4.47
N ARG B 5 3.59 2.76 4.53
CA ARG B 5 2.76 2.13 5.54
C ARG B 5 2.55 0.66 5.21
N HIS B 6 2.27 0.40 3.94
CA HIS B 6 2.04 -0.97 3.47
C HIS B 6 3.33 -1.78 3.56
N HIS B 7 4.44 -1.15 3.21
CA HIS B 7 5.74 -1.81 3.24
C HIS B 7 6.51 -1.44 4.50
N SER B 8 6.81 -2.45 5.32
CA SER B 8 7.54 -2.23 6.56
C SER B 8 8.20 -3.53 7.04
N GLY B 9 9.32 -3.39 7.75
CA GLY B 9 10.02 -4.55 8.25
C GLY B 9 11.20 -4.18 9.14
N TYR B 10 11.73 -5.16 9.84
CA TYR B 10 12.86 -4.94 10.73
C TYR B 10 14.00 -5.90 10.42
N ASP A 1 3.61 -4.59 -4.38
CA ASP A 1 2.26 -4.04 -4.60
C ASP A 1 2.27 -2.51 -4.59
N ALA A 2 1.28 -1.90 -5.22
CA ALA A 2 1.17 -0.45 -5.26
C ALA A 2 -0.10 0.03 -4.59
N GLU A 3 -0.27 1.34 -4.51
CA GLU A 3 -1.45 1.93 -3.87
C GLU A 3 -2.73 1.34 -4.45
N PHE A 4 -2.72 1.07 -5.75
CA PHE A 4 -3.88 0.50 -6.42
C PHE A 4 -4.10 -0.95 -5.99
N ARG A 5 -3.00 -1.64 -5.72
CA ARG A 5 -3.04 -3.03 -5.30
C ARG A 5 -3.47 -3.16 -3.85
N HIS A 6 -2.95 -2.26 -3.01
CA HIS A 6 -3.27 -2.27 -1.58
C HIS A 6 -4.72 -1.88 -1.36
N HIS A 7 -5.15 -0.83 -2.07
CA HIS A 7 -6.51 -0.33 -1.95
C HIS A 7 -7.40 -0.90 -3.05
N SER A 8 -8.70 -0.93 -2.79
CA SER A 8 -9.67 -1.46 -3.76
C SER A 8 -10.72 -0.41 -4.09
N GLY A 9 -11.32 -0.54 -5.26
CA GLY A 9 -12.35 0.39 -5.69
C GLY A 9 -12.25 0.73 -7.16
N TYR A 10 -12.43 -0.27 -8.01
CA TYR A 10 -12.38 -0.06 -9.45
C TYR A 10 -13.77 0.10 -10.05
N ASP B 1 -3.53 4.07 3.88
CA ASP B 1 -2.09 4.19 4.19
C ASP B 1 -1.28 4.46 2.92
N ALA B 2 0.03 4.63 3.08
CA ALA B 2 0.91 4.89 1.96
C ALA B 2 1.87 3.73 1.73
N GLU B 3 2.63 3.79 0.64
CA GLU B 3 3.58 2.74 0.30
C GLU B 3 4.51 2.43 1.48
N PHE B 4 4.90 3.45 2.22
CA PHE B 4 5.78 3.26 3.36
C PHE B 4 5.05 2.56 4.50
N ARG B 5 3.74 2.79 4.59
CA ARG B 5 2.93 2.17 5.62
C ARG B 5 2.67 0.71 5.29
N HIS B 6 2.38 0.45 4.02
CA HIS B 6 2.12 -0.91 3.56
C HIS B 6 3.39 -1.74 3.63
N HIS B 7 4.50 -1.12 3.23
CA HIS B 7 5.80 -1.79 3.24
C HIS B 7 6.60 -1.44 4.48
N SER B 8 7.76 -2.06 4.63
CA SER B 8 8.62 -1.81 5.77
C SER B 8 9.84 -0.98 5.37
N GLY B 9 10.10 0.08 6.11
CA GLY B 9 11.23 0.94 5.81
C GLY B 9 11.22 2.23 6.61
N TYR B 10 12.03 3.20 6.17
CA TYR B 10 12.11 4.49 6.85
C TYR B 10 11.49 5.59 5.99
N ASP A 1 3.54 -4.94 -4.31
CA ASP A 1 2.19 -4.37 -4.49
C ASP A 1 2.24 -2.84 -4.53
N ALA A 2 1.19 -2.24 -5.11
CA ALA A 2 1.12 -0.79 -5.22
C ALA A 2 -0.15 -0.26 -4.57
N GLU A 3 -0.27 1.07 -4.49
CA GLU A 3 -1.44 1.70 -3.89
C GLU A 3 -2.73 1.09 -4.42
N PHE A 4 -2.73 0.77 -5.71
CA PHE A 4 -3.91 0.19 -6.34
C PHE A 4 -4.13 -1.24 -5.85
N ARG A 5 -3.03 -1.92 -5.55
CA ARG A 5 -3.10 -3.30 -5.07
C ARG A 5 -3.47 -3.34 -3.59
N HIS A 6 -2.90 -2.40 -2.82
CA HIS A 6 -3.17 -2.33 -1.39
C HIS A 6 -4.60 -1.92 -1.13
N HIS A 7 -5.07 -0.92 -1.87
CA HIS A 7 -6.41 -0.42 -1.73
C HIS A 7 -7.37 -1.10 -2.69
N SER A 8 -8.54 -1.47 -2.19
CA SER A 8 -9.55 -2.14 -3.01
C SER A 8 -10.83 -1.32 -3.08
N GLY A 9 -11.43 -1.26 -4.26
CA GLY A 9 -12.66 -0.51 -4.43
C GLY A 9 -12.50 0.65 -5.40
N TYR A 10 -13.62 1.12 -5.93
CA TYR A 10 -13.60 2.23 -6.88
C TYR A 10 -14.21 3.49 -6.27
N ASP B 1 -3.68 4.10 4.39
CA ASP B 1 -2.21 4.02 4.61
C ASP B 1 -1.45 4.32 3.33
N ALA B 2 -0.14 4.49 3.46
CA ALA B 2 0.72 4.80 2.31
C ALA B 2 1.68 3.65 2.01
N GLU B 3 2.47 3.82 0.96
CA GLU B 3 3.43 2.81 0.54
C GLU B 3 4.35 2.42 1.69
N PHE B 4 4.75 3.40 2.50
CA PHE B 4 5.61 3.13 3.63
C PHE B 4 4.89 2.34 4.71
N ARG B 5 3.57 2.53 4.78
CA ARG B 5 2.75 1.82 5.76
C ARG B 5 2.51 0.39 5.29
N HIS B 6 2.23 0.24 4.01
CA HIS B 6 1.97 -1.08 3.43
C HIS B 6 3.22 -1.94 3.47
N HIS B 7 4.36 -1.31 3.18
CA HIS B 7 5.64 -2.00 3.18
C HIS B 7 6.39 -1.77 4.49
N SER B 8 7.35 -2.64 4.77
CA SER B 8 8.14 -2.53 5.99
C SER B 8 9.63 -2.62 5.66
N GLY B 9 10.43 -1.79 6.33
CA GLY B 9 11.86 -1.80 6.10
C GLY B 9 12.66 -1.65 7.38
N TYR B 10 13.92 -2.05 7.34
CA TYR B 10 14.79 -1.96 8.50
C TYR B 10 15.51 -0.62 8.55
N ASP A 1 3.67 -4.73 -4.25
CA ASP A 1 2.33 -4.18 -4.58
C ASP A 1 2.35 -2.65 -4.59
N ALA A 2 1.33 -2.06 -5.19
CA ALA A 2 1.22 -0.61 -5.28
C ALA A 2 -0.04 -0.12 -4.59
N GLU A 3 -0.21 1.20 -4.54
CA GLU A 3 -1.37 1.81 -3.89
C GLU A 3 -2.67 1.22 -4.40
N PHE A 4 -2.73 0.93 -5.70
CA PHE A 4 -3.94 0.37 -6.29
C PHE A 4 -4.15 -1.07 -5.82
N ARG A 5 -3.04 -1.78 -5.60
CA ARG A 5 -3.09 -3.15 -5.14
C ARG A 5 -3.44 -3.23 -3.66
N HIS A 6 -2.87 -2.32 -2.87
CA HIS A 6 -3.12 -2.28 -1.44
C HIS A 6 -4.56 -1.90 -1.16
N HIS A 7 -5.05 -0.91 -1.90
CA HIS A 7 -6.41 -0.43 -1.73
C HIS A 7 -7.35 -1.12 -2.72
N SER A 8 -8.40 -1.74 -2.19
CA SER A 8 -9.37 -2.45 -3.02
C SER A 8 -10.41 -1.49 -3.58
N GLY A 9 -10.65 -1.57 -4.88
CA GLY A 9 -11.63 -0.70 -5.51
C GLY A 9 -11.59 -0.79 -7.03
N TYR A 10 -12.36 0.06 -7.69
CA TYR A 10 -12.42 0.07 -9.15
C TYR A 10 -11.27 0.90 -9.72
N ASP B 1 -3.52 4.85 3.88
CA ASP B 1 -2.09 4.57 4.11
C ASP B 1 -1.28 4.72 2.82
N ALA B 2 0.04 4.85 2.96
CA ALA B 2 0.92 5.01 1.81
C ALA B 2 1.83 3.80 1.64
N GLU B 3 2.63 3.82 0.57
CA GLU B 3 3.56 2.74 0.28
C GLU B 3 4.44 2.43 1.48
N PHE B 4 4.75 3.45 2.27
CA PHE B 4 5.59 3.26 3.45
C PHE B 4 4.80 2.60 4.58
N ARG B 5 3.49 2.79 4.57
CA ARG B 5 2.64 2.20 5.60
C ARG B 5 2.39 0.73 5.32
N HIS B 6 2.13 0.42 4.05
CA HIS B 6 1.86 -0.95 3.63
C HIS B 6 3.13 -1.79 3.69
N HIS B 7 4.22 -1.22 3.20
CA HIS B 7 5.51 -1.91 3.19
C HIS B 7 6.20 -1.81 4.54
N SER B 8 5.69 -0.96 5.42
CA SER B 8 6.28 -0.77 6.74
C SER B 8 7.74 -0.34 6.63
N GLY B 9 8.02 0.54 5.67
CA GLY B 9 9.38 1.00 5.47
C GLY B 9 9.88 1.83 6.64
N TYR B 10 11.20 1.86 6.81
CA TYR B 10 11.81 2.62 7.90
C TYR B 10 12.13 4.04 7.46
N ASP A 1 3.56 -4.58 -4.64
CA ASP A 1 2.19 -4.00 -4.68
C ASP A 1 2.24 -2.48 -4.64
N ALA A 2 1.24 -1.84 -5.24
CA ALA A 2 1.17 -0.38 -5.28
C ALA A 2 -0.10 0.11 -4.57
N GLU A 3 -0.27 1.43 -4.55
CA GLU A 3 -1.43 2.03 -3.90
C GLU A 3 -2.73 1.44 -4.44
N PHE A 4 -2.71 1.01 -5.69
CA PHE A 4 -3.89 0.42 -6.31
C PHE A 4 -4.05 -1.03 -5.91
N ARG A 5 -2.93 -1.67 -5.56
CA ARG A 5 -2.94 -3.07 -5.14
C ARG A 5 -3.33 -3.21 -3.67
N HIS A 6 -2.83 -2.30 -2.84
CA HIS A 6 -3.13 -2.33 -1.41
C HIS A 6 -4.58 -1.95 -1.16
N HIS A 7 -5.05 -0.94 -1.90
CA HIS A 7 -6.42 -0.47 -1.76
C HIS A 7 -7.34 -1.16 -2.76
N SER A 8 -8.49 -1.61 -2.28
CA SER A 8 -9.46 -2.29 -3.12
C SER A 8 -10.78 -1.53 -3.16
N GLY A 9 -11.30 -1.33 -4.37
CA GLY A 9 -12.56 -0.61 -4.53
C GLY A 9 -12.97 -0.48 -5.98
N TYR A 10 -14.12 0.16 -6.22
CA TYR A 10 -14.62 0.34 -7.57
C TYR A 10 -14.60 1.83 -7.96
N ASP B 1 -3.56 4.58 3.95
CA ASP B 1 -2.11 4.38 4.18
C ASP B 1 -1.31 4.57 2.90
N ALA B 2 0.01 4.67 3.04
CA ALA B 2 0.89 4.87 1.89
C ALA B 2 1.81 3.66 1.69
N GLU B 3 2.61 3.71 0.63
CA GLU B 3 3.54 2.63 0.31
C GLU B 3 4.42 2.28 1.51
N PHE B 4 4.82 3.30 2.27
CA PHE B 4 5.67 3.09 3.44
C PHE B 4 4.88 2.39 4.53
N ARG B 5 3.58 2.65 4.58
CA ARG B 5 2.72 2.02 5.58
C ARG B 5 2.46 0.57 5.22
N HIS B 6 2.19 0.33 3.95
CA HIS B 6 1.93 -1.02 3.46
C HIS B 6 3.19 -1.87 3.51
N HIS B 7 4.30 -1.25 3.15
CA HIS B 7 5.59 -1.95 3.15
C HIS B 7 6.30 -1.79 4.49
N SER B 8 6.90 -2.88 4.97
CA SER B 8 7.60 -2.85 6.25
C SER B 8 9.12 -2.87 6.03
N GLY B 9 9.83 -2.07 6.82
CA GLY B 9 11.27 -1.99 6.69
C GLY B 9 11.97 -3.04 7.54
N TYR B 10 13.30 -2.98 7.56
CA TYR B 10 14.10 -3.92 8.33
C TYR B 10 13.93 -3.68 9.83
N ASP A 1 3.65 -4.52 -4.50
CA ASP A 1 2.28 -3.97 -4.64
C ASP A 1 2.30 -2.44 -4.62
N ALA A 2 1.30 -1.84 -5.25
CA ALA A 2 1.20 -0.38 -5.31
C ALA A 2 -0.06 0.09 -4.60
N GLU A 3 -0.24 1.40 -4.55
CA GLU A 3 -1.41 2.00 -3.91
C GLU A 3 -2.70 1.42 -4.48
N PHE A 4 -2.66 1.01 -5.74
CA PHE A 4 -3.83 0.44 -6.41
C PHE A 4 -4.03 -1.01 -5.99
N ARG A 5 -2.95 -1.68 -5.61
CA ARG A 5 -3.01 -3.08 -5.20
C ARG A 5 -3.41 -3.20 -3.74
N HIS A 6 -2.89 -2.30 -2.90
CA HIS A 6 -3.19 -2.32 -1.48
C HIS A 6 -4.64 -1.93 -1.22
N HIS A 7 -5.11 -0.94 -1.96
CA HIS A 7 -6.47 -0.46 -1.81
C HIS A 7 -7.40 -1.11 -2.83
N SER A 8 -8.18 -2.09 -2.36
CA SER A 8 -9.11 -2.80 -3.23
C SER A 8 -10.25 -3.40 -2.41
N GLY A 9 -11.45 -3.38 -2.98
CA GLY A 9 -12.60 -3.93 -2.28
C GLY A 9 -13.58 -4.60 -3.22
N TYR A 10 -14.46 -5.44 -2.66
CA TYR A 10 -15.46 -6.14 -3.45
C TYR A 10 -16.75 -5.32 -3.56
N ASP B 1 -3.50 4.65 4.05
CA ASP B 1 -2.06 4.30 4.22
C ASP B 1 -1.29 4.51 2.92
N ALA B 2 0.02 4.68 3.04
CA ALA B 2 0.87 4.88 1.88
C ALA B 2 1.83 3.71 1.68
N GLU B 3 2.63 3.79 0.63
CA GLU B 3 3.60 2.75 0.30
C GLU B 3 4.48 2.42 1.51
N PHE B 4 4.76 3.43 2.32
CA PHE B 4 5.58 3.23 3.51
C PHE B 4 4.81 2.51 4.60
N ARG B 5 3.48 2.70 4.60
CA ARG B 5 2.62 2.05 5.59
C ARG B 5 2.44 0.58 5.24
N HIS B 6 2.19 0.33 3.96
CA HIS B 6 1.99 -1.03 3.47
C HIS B 6 3.27 -1.83 3.55
N HIS B 7 4.39 -1.19 3.22
CA HIS B 7 5.69 -1.84 3.23
C HIS B 7 6.43 -1.50 4.52
N SER B 8 7.05 -2.52 5.12
CA SER B 8 7.80 -2.33 6.36
C SER B 8 9.29 -2.24 6.08
N GLY B 9 9.90 -1.12 6.46
CA GLY B 9 11.31 -0.92 6.24
C GLY B 9 11.87 0.23 7.06
N TYR B 10 12.68 -0.09 8.06
CA TYR B 10 13.28 0.92 8.92
C TYR B 10 14.80 0.78 8.95
N ASP A 1 3.55 -4.77 -4.49
CA ASP A 1 2.20 -4.17 -4.68
C ASP A 1 2.27 -2.65 -4.60
N ALA A 2 1.29 -1.98 -5.21
CA ALA A 2 1.23 -0.53 -5.21
C ALA A 2 -0.05 -0.04 -4.55
N GLU A 3 -0.18 1.28 -4.43
CA GLU A 3 -1.36 1.89 -3.81
C GLU A 3 -2.64 1.32 -4.41
N PHE A 4 -2.63 1.08 -5.71
CA PHE A 4 -3.79 0.54 -6.41
C PHE A 4 -4.05 -0.91 -6.00
N ARG A 5 -2.96 -1.64 -5.74
CA ARG A 5 -3.06 -3.04 -5.35
C ARG A 5 -3.49 -3.17 -3.90
N HIS A 6 -2.96 -2.31 -3.05
CA HIS A 6 -3.30 -2.32 -1.63
C HIS A 6 -4.74 -1.91 -1.41
N HIS A 7 -5.14 -0.83 -2.08
CA HIS A 7 -6.49 -0.30 -1.96
C HIS A 7 -7.39 -0.85 -3.07
N SER A 8 -8.62 -1.18 -2.70
CA SER A 8 -9.59 -1.70 -3.67
C SER A 8 -10.62 -0.64 -4.02
N GLY A 9 -10.66 -0.25 -5.28
CA GLY A 9 -11.60 0.76 -5.73
C GLY A 9 -11.16 2.16 -5.35
N TYR A 10 -12.11 3.09 -5.30
CA TYR A 10 -11.80 4.47 -4.94
C TYR A 10 -11.42 4.59 -3.47
N ASP B 1 -3.50 4.28 4.12
CA ASP B 1 -2.04 4.43 4.35
C ASP B 1 -1.29 4.58 3.03
N ALA B 2 0.02 4.76 3.12
CA ALA B 2 0.85 4.93 1.93
C ALA B 2 1.80 3.75 1.75
N GLU B 3 2.55 3.78 0.65
CA GLU B 3 3.51 2.72 0.33
C GLU B 3 4.44 2.43 1.51
N PHE B 4 4.81 3.48 2.24
CA PHE B 4 5.70 3.32 3.38
C PHE B 4 5.00 2.58 4.52
N ARG B 5 3.70 2.80 4.65
CA ARG B 5 2.92 2.14 5.69
C ARG B 5 2.69 0.68 5.32
N HIS B 6 2.34 0.45 4.05
CA HIS B 6 2.10 -0.90 3.57
C HIS B 6 3.37 -1.72 3.62
N HIS B 7 4.48 -1.08 3.27
CA HIS B 7 5.78 -1.74 3.27
C HIS B 7 6.60 -1.34 4.50
N SER B 8 6.56 -2.19 5.52
CA SER B 8 7.29 -1.93 6.75
C SER B 8 7.79 -3.23 7.37
N GLY B 9 8.83 -3.12 8.20
CA GLY B 9 9.38 -4.29 8.85
C GLY B 9 10.89 -4.37 8.73
N TYR B 10 11.58 -3.54 9.49
CA TYR B 10 13.04 -3.52 9.48
C TYR B 10 13.61 -4.84 9.96
N ASP A 1 3.67 -4.54 -4.26
CA ASP A 1 2.34 -4.01 -4.63
C ASP A 1 2.32 -2.48 -4.57
N ALA A 2 1.33 -1.88 -5.22
CA ALA A 2 1.19 -0.43 -5.25
C ALA A 2 -0.09 0.01 -4.58
N GLU A 3 -0.29 1.32 -4.50
CA GLU A 3 -1.49 1.89 -3.88
C GLU A 3 -2.75 1.29 -4.48
N PHE A 4 -2.72 1.02 -5.78
CA PHE A 4 -3.87 0.45 -6.47
C PHE A 4 -4.08 -1.00 -6.03
N ARG A 5 -2.99 -1.69 -5.75
CA ARG A 5 -3.05 -3.08 -5.31
C ARG A 5 -3.48 -3.18 -3.85
N HIS A 6 -2.96 -2.28 -3.03
CA HIS A 6 -3.29 -2.26 -1.61
C HIS A 6 -4.74 -1.85 -1.40
N HIS A 7 -5.16 -0.82 -2.12
CA HIS A 7 -6.52 -0.31 -2.01
C HIS A 7 -7.40 -0.85 -3.14
N SER A 8 -8.63 -1.20 -2.80
CA SER A 8 -9.57 -1.72 -3.79
C SER A 8 -10.85 -0.88 -3.80
N GLY A 9 -10.96 0.01 -4.78
CA GLY A 9 -12.12 0.87 -4.88
C GLY A 9 -12.08 2.02 -3.90
N TYR A 10 -13.18 2.77 -3.83
CA TYR A 10 -13.27 3.91 -2.92
C TYR A 10 -13.28 3.44 -1.46
N ASP B 1 -3.51 4.12 3.90
CA ASP B 1 -2.05 4.22 4.19
C ASP B 1 -1.26 4.46 2.92
N ALA B 2 0.06 4.62 3.05
CA ALA B 2 0.93 4.85 1.90
C ALA B 2 1.90 3.69 1.71
N GLU B 3 2.66 3.75 0.63
CA GLU B 3 3.64 2.70 0.32
C GLU B 3 4.55 2.42 1.51
N PHE B 4 4.92 3.47 2.24
CA PHE B 4 5.78 3.30 3.39
C PHE B 4 5.04 2.62 4.53
N ARG B 5 3.73 2.82 4.59
CA ARG B 5 2.90 2.21 5.63
C ARG B 5 2.64 0.75 5.31
N HIS B 6 2.38 0.47 4.04
CA HIS B 6 2.12 -0.90 3.60
C HIS B 6 3.39 -1.74 3.67
N HIS B 7 4.50 -1.11 3.28
CA HIS B 7 5.80 -1.78 3.28
C HIS B 7 6.60 -1.42 4.53
N SER B 8 6.94 -2.42 5.33
CA SER B 8 7.71 -2.20 6.55
C SER B 8 9.12 -2.74 6.40
N GLY B 9 10.10 -1.85 6.52
CA GLY B 9 11.50 -2.26 6.39
C GLY B 9 12.26 -1.41 5.40
N TYR B 10 13.36 -1.95 4.88
CA TYR B 10 14.18 -1.23 3.91
C TYR B 10 13.57 -1.31 2.52
N ASP A 1 3.64 -4.65 -4.51
CA ASP A 1 2.27 -4.09 -4.69
C ASP A 1 2.30 -2.57 -4.67
N ALA A 2 1.31 -1.95 -5.32
CA ALA A 2 1.21 -0.51 -5.37
C ALA A 2 -0.04 -0.02 -4.63
N GLU A 3 -0.19 1.29 -4.56
CA GLU A 3 -1.33 1.89 -3.88
C GLU A 3 -2.65 1.32 -4.39
N PHE A 4 -2.72 1.09 -5.70
CA PHE A 4 -3.92 0.54 -6.31
C PHE A 4 -4.11 -0.92 -5.91
N ARG A 5 -3.00 -1.61 -5.69
CA ARG A 5 -3.04 -3.02 -5.30
C ARG A 5 -3.44 -3.16 -3.83
N HIS A 6 -2.91 -2.27 -3.00
CA HIS A 6 -3.23 -2.29 -1.57
C HIS A 6 -4.67 -1.89 -1.33
N HIS A 7 -5.10 -0.83 -2.01
CA HIS A 7 -6.45 -0.32 -1.87
C HIS A 7 -7.37 -0.93 -2.92
N SER A 8 -8.59 -1.27 -2.51
CA SER A 8 -9.57 -1.85 -3.41
C SER A 8 -10.75 -0.91 -3.62
N GLY A 9 -11.00 -0.54 -4.88
CA GLY A 9 -12.09 0.36 -5.19
C GLY A 9 -13.22 -0.33 -5.92
N TYR A 10 -14.45 -0.07 -5.49
CA TYR A 10 -15.62 -0.67 -6.11
C TYR A 10 -15.54 -2.20 -6.08
N ASP B 1 -3.49 4.73 3.97
CA ASP B 1 -2.04 4.53 4.21
C ASP B 1 -1.25 4.67 2.90
N ALA B 2 0.07 4.82 3.03
CA ALA B 2 0.93 4.96 1.87
C ALA B 2 1.84 3.75 1.70
N GLU B 3 2.60 3.74 0.60
CA GLU B 3 3.51 2.64 0.31
C GLU B 3 4.42 2.33 1.50
N PHE B 4 4.83 3.37 2.21
CA PHE B 4 5.69 3.20 3.37
C PHE B 4 4.92 2.53 4.51
N ARG B 5 3.62 2.77 4.55
CA ARG B 5 2.77 2.18 5.58
C ARG B 5 2.54 0.70 5.29
N HIS B 6 2.26 0.42 4.02
CA HIS B 6 2.01 -0.95 3.58
C HIS B 6 3.31 -1.77 3.61
N HIS B 7 4.40 -1.14 3.20
CA HIS B 7 5.69 -1.79 3.16
C HIS B 7 6.46 -1.57 4.45
N SER B 8 7.17 -2.61 4.91
CA SER B 8 7.95 -2.52 6.12
C SER B 8 9.27 -1.78 5.88
N GLY B 9 9.77 -1.13 6.93
CA GLY B 9 11.01 -0.38 6.79
C GLY B 9 10.78 1.05 6.38
N TYR B 10 11.68 1.57 5.54
CA TYR B 10 11.58 2.94 5.06
C TYR B 10 11.09 2.98 3.61
N ASP A 1 3.27 -5.24 -4.27
CA ASP A 1 1.95 -4.59 -4.47
C ASP A 1 2.09 -3.07 -4.49
N ALA A 2 1.13 -2.40 -5.10
CA ALA A 2 1.13 -0.94 -5.20
C ALA A 2 -0.09 -0.35 -4.52
N GLU A 3 -0.20 0.98 -4.55
CA GLU A 3 -1.32 1.67 -3.93
C GLU A 3 -2.65 1.13 -4.45
N PHE A 4 -2.68 0.79 -5.74
CA PHE A 4 -3.89 0.25 -6.35
C PHE A 4 -4.17 -1.15 -5.82
N ARG A 5 -3.12 -1.88 -5.49
CA ARG A 5 -3.26 -3.23 -4.97
C ARG A 5 -3.55 -3.21 -3.47
N HIS A 6 -2.89 -2.30 -2.76
CA HIS A 6 -3.08 -2.17 -1.32
C HIS A 6 -4.53 -1.80 -1.02
N HIS A 7 -5.09 -0.93 -1.83
CA HIS A 7 -6.47 -0.48 -1.66
C HIS A 7 -7.39 -1.17 -2.66
N SER A 8 -8.69 -1.00 -2.48
CA SER A 8 -9.68 -1.59 -3.36
C SER A 8 -10.53 -0.53 -4.04
N GLY A 9 -10.67 -0.64 -5.36
CA GLY A 9 -11.46 0.33 -6.11
C GLY A 9 -11.72 -0.13 -7.54
N TYR A 10 -12.39 0.72 -8.30
CA TYR A 10 -12.71 0.41 -9.69
C TYR A 10 -11.49 0.60 -10.58
N ASP B 1 -3.61 3.83 4.14
CA ASP B 1 -2.22 4.26 4.43
C ASP B 1 -1.43 4.50 3.15
N ALA B 2 -0.12 4.66 3.29
CA ALA B 2 0.75 4.89 2.14
C ALA B 2 1.67 3.71 1.90
N GLU B 3 2.43 3.77 0.81
CA GLU B 3 3.37 2.72 0.45
C GLU B 3 4.32 2.38 1.59
N PHE B 4 4.71 3.39 2.36
CA PHE B 4 5.62 3.18 3.47
C PHE B 4 4.93 2.43 4.60
N ARG B 5 3.62 2.62 4.72
CA ARG B 5 2.84 1.94 5.76
C ARG B 5 2.56 0.50 5.35
N HIS B 6 2.22 0.31 4.09
CA HIS B 6 1.94 -1.03 3.57
C HIS B 6 3.19 -1.88 3.60
N HIS B 7 4.32 -1.27 3.26
CA HIS B 7 5.60 -1.97 3.24
C HIS B 7 6.38 -1.71 4.52
N SER B 8 6.89 -2.79 5.11
CA SER B 8 7.67 -2.69 6.35
C SER B 8 9.09 -2.25 6.05
N GLY B 9 9.79 -1.78 7.08
CA GLY B 9 11.17 -1.34 6.91
C GLY B 9 11.62 -0.41 8.02
N TYR B 10 11.27 -0.76 9.25
CA TYR B 10 11.65 0.05 10.40
C TYR B 10 12.79 -0.61 11.18
#